data_2J9C
#
_entry.id   2J9C
#
_cell.length_a   122.700
_cell.length_b   122.700
_cell.length_c   45.700
_cell.angle_alpha   90.00
_cell.angle_beta   90.00
_cell.angle_gamma   120.00
#
_symmetry.space_group_name_H-M   'P 63'
#
loop_
_entity.id
_entity.type
_entity.pdbx_description
1 polymer 'HYPOTHETICAL NITROGEN REGULATORY PII-LIKE PROTEIN MJ0059'
2 non-polymer "ADENOSINE-5'-TRIPHOSPHATE"
3 non-polymer 'MAGNESIUM ION'
4 non-polymer 'CHLORIDE ION'
5 non-polymer 1,2-ETHANEDIOL
6 non-polymer 'ACETATE ION'
7 water water
#
_entity_poly.entity_id   1
_entity_poly.type   'polypeptide(L)'
_entity_poly.pdbx_seq_one_letter_code
;GSMKKVEAIIRPEKLEIVKKALSDAGYVGMTVSEVKGRGVQGGIVERYRGREYIVDLIPKVKIELVVKEEDVDNVIDIIC
ENARTGNPGDGKIFVIPVERVVRVRTKEEGKEALLEHHH
;
_entity_poly.pdbx_strand_id   A,B,C
#
# COMPACT_ATOMS: atom_id res chain seq x y z
N GLY A 1 -2.75 -2.43 -23.67
CA GLY A 1 -3.07 -1.10 -23.13
C GLY A 1 -2.38 -0.96 -21.78
N SER A 2 -3.15 -0.53 -20.81
CA SER A 2 -2.60 -0.18 -19.51
C SER A 2 -2.62 -1.34 -18.49
N MET A 3 -1.96 -1.05 -17.39
CA MET A 3 -1.72 -1.91 -16.23
CA MET A 3 -1.90 -1.97 -16.25
C MET A 3 -2.51 -1.31 -15.04
N LYS A 4 -3.06 -2.15 -14.17
CA LYS A 4 -3.79 -1.70 -12.99
C LYS A 4 -3.40 -2.54 -11.80
N LYS A 5 -3.42 -1.90 -10.64
CA LYS A 5 -3.36 -2.59 -9.36
C LYS A 5 -4.72 -2.82 -8.79
N VAL A 6 -5.05 -4.08 -8.55
CA VAL A 6 -6.28 -4.45 -7.88
C VAL A 6 -5.89 -4.66 -6.41
N GLU A 7 -6.40 -3.80 -5.54
CA GLU A 7 -6.10 -3.84 -4.08
C GLU A 7 -7.36 -4.25 -3.39
N ALA A 8 -7.38 -5.50 -2.91
CA ALA A 8 -8.57 -6.10 -2.27
C ALA A 8 -8.33 -6.32 -0.79
N ILE A 9 -9.27 -5.87 0.02
CA ILE A 9 -9.22 -6.06 1.47
C ILE A 9 -10.33 -7.07 1.73
N ILE A 10 -9.95 -8.23 2.29
CA ILE A 10 -10.89 -9.32 2.54
C ILE A 10 -10.70 -9.89 3.96
N ARG A 11 -11.56 -10.84 4.37
CA ARG A 11 -11.44 -11.48 5.66
C ARG A 11 -10.24 -12.42 5.67
N PRO A 12 -9.52 -12.51 6.80
CA PRO A 12 -8.32 -13.34 6.81
C PRO A 12 -8.61 -14.84 6.45
N GLU A 13 -9.76 -15.34 6.87
CA GLU A 13 -10.15 -16.71 6.61
C GLU A 13 -10.44 -17.00 5.13
N LYS A 14 -10.55 -15.94 4.30
CA LYS A 14 -10.83 -16.09 2.90
C LYS A 14 -9.57 -16.07 2.07
N LEU A 15 -8.39 -15.81 2.64
CA LEU A 15 -7.16 -15.71 1.86
C LEU A 15 -6.91 -16.98 1.06
N GLU A 16 -7.03 -18.13 1.68
CA GLU A 16 -6.65 -19.40 1.04
C GLU A 16 -7.51 -19.65 -0.21
N ILE A 17 -8.81 -19.54 -0.06
CA ILE A 17 -9.71 -19.86 -1.16
C ILE A 17 -9.59 -18.79 -2.30
N VAL A 18 -9.48 -17.52 -1.91
CA VAL A 18 -9.37 -16.46 -2.90
C VAL A 18 -8.04 -16.58 -3.68
N LYS A 19 -6.92 -16.81 -3.01
CA LYS A 19 -5.67 -16.86 -3.76
C LYS A 19 -5.62 -18.04 -4.69
N LYS A 20 -6.20 -19.15 -4.26
CA LYS A 20 -6.22 -20.35 -5.09
C LYS A 20 -7.12 -20.13 -6.30
N ALA A 21 -8.27 -19.50 -6.12
CA ALA A 21 -9.14 -19.28 -7.24
C ALA A 21 -8.45 -18.30 -8.27
N LEU A 22 -7.73 -17.28 -7.76
CA LEU A 22 -6.98 -16.36 -8.65
C LEU A 22 -5.90 -17.10 -9.38
N SER A 23 -5.07 -17.88 -8.69
CA SER A 23 -3.98 -18.50 -9.36
C SER A 23 -4.47 -19.57 -10.34
N ASP A 24 -5.53 -20.28 -9.98
CA ASP A 24 -6.17 -21.25 -10.94
C ASP A 24 -6.63 -20.62 -12.26
N ALA A 25 -7.01 -19.35 -12.18
CA ALA A 25 -7.47 -18.58 -13.32
C ALA A 25 -6.32 -17.89 -14.05
N GLY A 26 -5.10 -18.07 -13.58
CA GLY A 26 -3.91 -17.52 -14.23
C GLY A 26 -3.35 -16.27 -13.59
N TYR A 27 -3.99 -15.75 -12.54
CA TYR A 27 -3.56 -14.50 -11.91
C TYR A 27 -2.71 -14.88 -10.72
N VAL A 28 -1.48 -15.21 -11.03
CA VAL A 28 -0.53 -15.80 -10.06
CA VAL A 28 -0.55 -15.81 -10.06
C VAL A 28 0.27 -14.76 -9.29
N GLY A 29 0.64 -13.67 -9.90
CA GLY A 29 1.41 -12.65 -9.22
C GLY A 29 0.52 -11.86 -8.25
N MET A 30 0.96 -11.79 -7.01
CA MET A 30 0.22 -11.12 -5.95
C MET A 30 1.15 -10.84 -4.75
N THR A 31 0.78 -9.79 -4.00
CA THR A 31 1.45 -9.41 -2.75
C THR A 31 0.39 -9.29 -1.68
N VAL A 32 0.65 -9.92 -0.54
CA VAL A 32 -0.31 -10.04 0.53
C VAL A 32 0.26 -9.43 1.82
N SER A 33 -0.58 -8.71 2.54
CA SER A 33 -0.20 -7.99 3.73
C SER A 33 -1.31 -8.23 4.78
N GLU A 34 -0.94 -8.18 6.06
CA GLU A 34 -1.87 -8.21 7.19
C GLU A 34 -2.20 -6.74 7.52
N VAL A 35 -3.45 -6.44 7.71
CA VAL A 35 -3.91 -5.09 8.01
C VAL A 35 -5.05 -5.15 8.99
N LYS A 36 -5.52 -3.97 9.39
CA LYS A 36 -6.78 -3.89 10.18
CA LYS A 36 -6.72 -3.83 10.24
C LYS A 36 -7.59 -2.75 9.60
N GLY A 37 -8.88 -2.79 9.76
CA GLY A 37 -9.70 -1.81 9.11
C GLY A 37 -11.08 -1.72 9.68
N ARG A 38 -11.82 -0.75 9.16
CA ARG A 38 -13.24 -0.71 9.30
C ARG A 38 -13.88 -0.14 8.04
N GLY A 39 -15.11 -0.51 7.80
CA GLY A 39 -15.89 0.00 6.74
C GLY A 39 -16.78 1.17 7.17
N VAL A 40 -17.84 1.35 6.39
CA VAL A 40 -18.77 2.47 6.67
C VAL A 40 -19.55 2.26 7.97
N GLN A 41 -20.00 3.34 8.60
CA GLN A 41 -20.83 3.27 9.79
C GLN A 41 -22.24 2.84 9.39
N GLY A 42 -23.01 2.50 10.42
CA GLY A 42 -24.41 2.16 10.20
C GLY A 42 -24.73 0.71 9.98
N GLY A 43 -26.01 0.38 10.08
CA GLY A 43 -26.49 -0.97 9.88
C GLY A 43 -26.03 -1.94 10.95
N ILE A 44 -25.95 -3.21 10.58
CA ILE A 44 -25.50 -4.25 11.50
C ILE A 44 -24.05 -4.04 11.96
N VAL A 45 -23.80 -4.07 13.27
CA VAL A 45 -22.45 -3.86 13.85
C VAL A 45 -21.58 -5.02 13.50
N GLU A 46 -20.36 -4.77 13.02
CA GLU A 46 -19.46 -5.83 12.70
C GLU A 46 -19.04 -6.60 13.97
N ARG A 47 -18.97 -7.91 13.84
CA ARG A 47 -18.46 -8.78 14.92
C ARG A 47 -17.25 -9.57 14.45
N TYR A 48 -16.30 -9.76 15.36
CA TYR A 48 -15.09 -10.56 15.10
C TYR A 48 -14.70 -11.26 16.41
N ARG A 49 -14.50 -12.57 16.31
CA ARG A 49 -14.18 -13.46 17.44
C ARG A 49 -14.95 -13.09 18.71
N GLY A 50 -16.25 -13.03 18.58
CA GLY A 50 -17.15 -12.92 19.73
C GLY A 50 -17.40 -11.57 20.35
N ARG A 51 -16.94 -10.49 19.70
CA ARG A 51 -17.27 -9.18 20.23
C ARG A 51 -17.56 -8.23 19.07
N GLU A 52 -18.30 -7.18 19.38
CA GLU A 52 -18.51 -6.07 18.47
C GLU A 52 -17.27 -5.20 18.42
N TYR A 53 -17.02 -4.65 17.21
CA TYR A 53 -15.99 -3.65 16.96
C TYR A 53 -16.69 -2.41 16.40
N ILE A 54 -16.46 -1.26 17.04
CA ILE A 54 -16.96 0.04 16.52
C ILE A 54 -15.79 1.03 16.49
N VAL A 55 -15.22 1.30 17.66
CA VAL A 55 -14.00 2.16 17.71
C VAL A 55 -12.79 1.37 17.22
N ASP A 56 -12.70 0.11 17.61
CA ASP A 56 -11.56 -0.68 17.28
C ASP A 56 -11.60 -1.23 15.82
N LEU A 57 -10.43 -1.34 15.23
CA LEU A 57 -10.29 -1.86 13.86
C LEU A 57 -10.24 -3.39 13.91
N ILE A 58 -10.73 -3.98 12.83
CA ILE A 58 -10.88 -5.45 12.71
C ILE A 58 -9.78 -6.05 11.83
N PRO A 59 -9.17 -7.18 12.17
CA PRO A 59 -8.18 -7.83 11.30
C PRO A 59 -8.74 -8.14 9.90
N LYS A 60 -7.94 -7.80 8.90
CA LYS A 60 -8.24 -8.12 7.51
C LYS A 60 -6.91 -8.55 6.84
N VAL A 61 -7.05 -8.97 5.56
CA VAL A 61 -5.91 -9.30 4.71
CA VAL A 61 -5.85 -9.18 4.74
C VAL A 61 -6.03 -8.43 3.42
N LYS A 62 -4.94 -7.83 3.01
CA LYS A 62 -4.88 -7.11 1.73
C LYS A 62 -4.16 -7.97 0.70
N ILE A 63 -4.75 -8.13 -0.45
CA ILE A 63 -4.15 -8.77 -1.60
C ILE A 63 -4.05 -7.74 -2.68
N GLU A 64 -2.84 -7.52 -3.19
CA GLU A 64 -2.52 -6.59 -4.30
CA GLU A 64 -2.60 -6.62 -4.30
C GLU A 64 -2.11 -7.44 -5.51
N LEU A 65 -2.80 -7.28 -6.63
CA LEU A 65 -2.45 -7.91 -7.91
C LEU A 65 -2.35 -6.88 -8.99
N VAL A 66 -1.15 -6.78 -9.59
CA VAL A 66 -0.98 -5.94 -10.78
C VAL A 66 -1.21 -6.78 -12.03
N VAL A 67 -2.19 -6.32 -12.81
CA VAL A 67 -2.70 -7.03 -13.99
C VAL A 67 -2.89 -6.06 -15.13
N LYS A 68 -3.14 -6.59 -16.32
CA LYS A 68 -3.56 -5.80 -17.46
C LYS A 68 -4.96 -5.26 -17.20
N GLU A 69 -5.29 -4.09 -17.74
CA GLU A 69 -6.58 -3.48 -17.51
C GLU A 69 -7.71 -4.43 -17.94
N GLU A 70 -7.47 -5.15 -19.01
CA GLU A 70 -8.50 -6.09 -19.57
C GLU A 70 -8.71 -7.37 -18.75
N ASP A 71 -7.91 -7.57 -17.68
CA ASP A 71 -8.11 -8.67 -16.73
C ASP A 71 -8.89 -8.24 -15.46
N VAL A 72 -9.02 -6.93 -15.20
CA VAL A 72 -9.56 -6.42 -13.92
C VAL A 72 -10.97 -6.99 -13.62
N ASP A 73 -11.88 -6.94 -14.57
CA ASP A 73 -13.24 -7.34 -14.31
C ASP A 73 -13.32 -8.79 -13.83
N ASN A 74 -12.58 -9.65 -14.50
CA ASN A 74 -12.54 -11.07 -14.13
C ASN A 74 -11.91 -11.27 -12.77
N VAL A 75 -10.80 -10.59 -12.49
CA VAL A 75 -10.20 -10.65 -11.16
C VAL A 75 -11.16 -10.24 -10.08
N ILE A 76 -11.86 -9.13 -10.28
CA ILE A 76 -12.82 -8.61 -9.28
C ILE A 76 -13.92 -9.68 -9.07
N ASP A 77 -14.45 -10.27 -10.15
CA ASP A 77 -15.47 -11.27 -10.04
C ASP A 77 -15.05 -12.48 -9.21
N ILE A 78 -13.83 -12.94 -9.47
CA ILE A 78 -13.30 -14.10 -8.72
C ILE A 78 -13.19 -13.74 -7.24
N ILE A 79 -12.65 -12.57 -6.93
CA ILE A 79 -12.50 -12.16 -5.53
C ILE A 79 -13.84 -12.11 -4.84
N CYS A 80 -14.84 -11.44 -5.43
CA CYS A 80 -16.11 -11.22 -4.77
C CYS A 80 -16.81 -12.57 -4.53
N GLU A 81 -16.78 -13.42 -5.52
CA GLU A 81 -17.47 -14.74 -5.39
C GLU A 81 -16.92 -15.57 -4.26
N ASN A 82 -15.62 -15.55 -4.13
CA ASN A 82 -14.93 -16.35 -3.15
C ASN A 82 -14.78 -15.73 -1.77
N ALA A 83 -14.77 -14.38 -1.69
CA ALA A 83 -14.56 -13.68 -0.40
C ALA A 83 -15.85 -13.41 0.34
N ARG A 84 -16.97 -13.34 -0.37
CA ARG A 84 -18.18 -12.90 0.28
C ARG A 84 -18.72 -13.93 1.25
N THR A 85 -19.39 -13.44 2.30
CA THR A 85 -20.14 -14.24 3.27
C THR A 85 -21.58 -13.74 3.52
N GLY A 86 -21.86 -12.49 3.15
CA GLY A 86 -23.17 -11.82 3.43
C GLY A 86 -23.29 -11.07 4.74
N ASN A 87 -22.29 -11.17 5.60
CA ASN A 87 -22.24 -10.42 6.83
C ASN A 87 -21.39 -9.14 6.59
N PRO A 88 -21.65 -8.07 7.37
CA PRO A 88 -20.86 -6.83 7.28
C PRO A 88 -19.39 -7.16 7.48
N GLY A 89 -18.51 -6.59 6.65
CA GLY A 89 -17.10 -6.78 6.81
C GLY A 89 -16.44 -7.63 5.74
N ASP A 90 -17.18 -8.03 4.70
CA ASP A 90 -16.65 -8.92 3.66
C ASP A 90 -15.49 -8.35 2.84
N GLY A 91 -15.39 -7.01 2.73
CA GLY A 91 -14.27 -6.46 2.00
C GLY A 91 -14.59 -5.36 1.05
N LYS A 92 -13.55 -4.80 0.50
CA LYS A 92 -13.66 -3.72 -0.49
C LYS A 92 -12.47 -3.86 -1.43
N ILE A 93 -12.67 -3.51 -2.71
CA ILE A 93 -11.63 -3.58 -3.72
C ILE A 93 -11.48 -2.17 -4.31
N PHE A 94 -10.23 -1.75 -4.50
CA PHE A 94 -9.84 -0.53 -5.12
C PHE A 94 -8.98 -0.84 -6.34
N VAL A 95 -9.26 -0.15 -7.44
CA VAL A 95 -8.46 -0.28 -8.67
C VAL A 95 -7.67 1.01 -8.85
N ILE A 96 -6.34 0.84 -8.93
CA ILE A 96 -5.38 1.97 -8.93
C ILE A 96 -4.54 1.88 -10.22
N PRO A 97 -4.33 2.98 -10.96
CA PRO A 97 -3.48 2.91 -12.16
C PRO A 97 -2.03 2.61 -11.78
N VAL A 98 -1.40 1.77 -12.60
CA VAL A 98 0.01 1.47 -12.55
C VAL A 98 0.59 1.91 -13.88
N GLU A 99 1.49 2.88 -13.87
CA GLU A 99 2.06 3.43 -15.11
C GLU A 99 3.20 2.61 -15.68
N ARG A 100 3.97 1.94 -14.79
CA ARG A 100 5.14 1.21 -15.22
C ARG A 100 5.33 0.00 -14.34
N VAL A 101 5.79 -1.09 -14.92
CA VAL A 101 6.12 -2.31 -14.20
C VAL A 101 7.54 -2.75 -14.66
N VAL A 102 8.42 -3.09 -13.69
CA VAL A 102 9.78 -3.55 -13.97
C VAL A 102 10.09 -4.81 -13.15
N ARG A 103 10.62 -5.82 -13.85
CA ARG A 103 11.12 -7.01 -13.17
C ARG A 103 12.58 -6.75 -12.72
N VAL A 104 12.82 -6.95 -11.43
CA VAL A 104 14.11 -6.59 -10.82
C VAL A 104 15.25 -7.40 -11.45
N ARG A 105 15.04 -8.71 -11.58
CA ARG A 105 16.15 -9.61 -12.02
C ARG A 105 16.71 -9.26 -13.35
N THR A 106 15.82 -8.85 -14.26
CA THR A 106 16.11 -8.69 -15.69
C THR A 106 16.05 -7.26 -16.24
N LYS A 107 15.45 -6.34 -15.48
CA LYS A 107 15.20 -4.98 -15.92
C LYS A 107 14.15 -4.86 -17.00
N GLU A 108 13.43 -5.93 -17.28
CA GLU A 108 12.36 -5.89 -18.29
C GLU A 108 11.28 -4.95 -17.78
N GLU A 109 10.79 -4.07 -18.67
CA GLU A 109 9.70 -3.13 -18.37
C GLU A 109 8.54 -3.40 -19.29
N GLY A 110 7.34 -3.35 -18.73
CA GLY A 110 6.08 -3.43 -19.44
C GLY A 110 5.41 -4.80 -19.38
N LYS A 111 4.59 -5.05 -20.39
N LYS A 111 4.67 -5.17 -20.43
CA LYS A 111 3.89 -6.31 -20.63
CA LYS A 111 3.86 -6.39 -20.38
C LYS A 111 4.63 -7.61 -20.27
C LYS A 111 4.67 -7.65 -20.13
N GLU A 112 5.89 -7.74 -20.64
CA GLU A 112 6.71 -8.95 -20.37
C GLU A 112 6.97 -9.18 -18.87
N ALA A 113 7.01 -8.11 -18.08
CA ALA A 113 7.24 -8.20 -16.66
C ALA A 113 6.07 -8.81 -15.91
N LEU A 114 4.93 -9.03 -16.56
CA LEU A 114 3.82 -9.79 -15.99
C LEU A 114 3.70 -11.24 -16.51
N LEU A 115 4.65 -11.66 -17.34
CA LEU A 115 4.52 -12.94 -18.06
C LEU A 115 5.57 -13.95 -17.68
N GLU A 116 5.22 -15.21 -17.73
CA GLU A 116 6.24 -16.26 -17.65
C GLU A 116 7.04 -16.29 -18.95
N HIS A 117 8.32 -16.58 -18.81
CA HIS A 117 9.38 -16.21 -19.72
C HIS A 117 9.52 -17.19 -20.88
N GLY B 1 4.88 19.55 -9.97
CA GLY B 1 4.95 18.06 -10.19
C GLY B 1 5.60 17.72 -11.51
N SER B 2 5.45 16.45 -11.95
CA SER B 2 4.62 15.49 -11.24
C SER B 2 5.42 14.59 -10.29
N MET B 3 4.68 13.94 -9.38
CA MET B 3 5.22 13.00 -8.36
C MET B 3 4.76 11.59 -8.67
N LYS B 4 5.63 10.64 -8.29
CA LYS B 4 5.33 9.20 -8.51
C LYS B 4 5.68 8.41 -7.25
N LYS B 5 4.93 7.37 -7.01
CA LYS B 5 5.23 6.38 -5.99
C LYS B 5 5.90 5.19 -6.67
N VAL B 6 7.14 4.89 -6.27
CA VAL B 6 7.86 3.71 -6.69
C VAL B 6 7.63 2.68 -5.58
N GLU B 7 6.92 1.61 -5.88
CA GLU B 7 6.60 0.53 -4.95
C GLU B 7 7.35 -0.71 -5.41
N ALA B 8 8.33 -1.12 -4.64
CA ALA B 8 9.22 -2.22 -5.02
C ALA B 8 9.03 -3.34 -3.98
N ILE B 9 8.84 -4.56 -4.46
CA ILE B 9 8.81 -5.74 -3.63
C ILE B 9 10.10 -6.46 -3.88
N ILE B 10 10.89 -6.65 -2.82
CA ILE B 10 12.21 -7.23 -2.89
C ILE B 10 12.43 -8.28 -1.79
N ARG B 11 13.53 -8.97 -1.83
CA ARG B 11 13.90 -9.96 -0.81
C ARG B 11 14.17 -9.29 0.51
N PRO B 12 13.76 -9.92 1.62
CA PRO B 12 13.97 -9.30 2.93
C PRO B 12 15.44 -9.01 3.21
N GLU B 13 16.33 -9.88 2.76
CA GLU B 13 17.75 -9.72 3.04
C GLU B 13 18.43 -8.67 2.18
N LYS B 14 17.67 -8.04 1.30
CA LYS B 14 18.13 -6.95 0.43
C LYS B 14 17.63 -5.57 0.86
N LEU B 15 16.89 -5.50 1.97
CA LEU B 15 16.47 -4.20 2.46
C LEU B 15 17.68 -3.28 2.77
N GLU B 16 18.67 -3.82 3.49
CA GLU B 16 19.74 -2.97 3.96
C GLU B 16 20.57 -2.39 2.80
N ILE B 17 20.94 -3.23 1.83
CA ILE B 17 21.77 -2.77 0.70
C ILE B 17 20.98 -1.72 -0.15
N VAL B 18 19.72 -2.02 -0.39
CA VAL B 18 18.86 -1.15 -1.23
C VAL B 18 18.64 0.18 -0.54
N LYS B 19 18.32 0.15 0.75
CA LYS B 19 18.11 1.36 1.52
C LYS B 19 19.37 2.24 1.53
N LYS B 20 20.51 1.58 1.72
CA LYS B 20 21.77 2.34 1.74
C LYS B 20 22.05 2.97 0.39
N ALA B 21 21.89 2.22 -0.70
CA ALA B 21 22.21 2.74 -2.04
C ALA B 21 21.26 3.88 -2.42
N LEU B 22 19.98 3.74 -2.06
CA LEU B 22 19.04 4.81 -2.32
C LEU B 22 19.37 6.05 -1.51
N SER B 23 19.69 5.88 -0.25
CA SER B 23 20.12 6.99 0.62
CA SER B 23 20.06 7.03 0.58
C SER B 23 21.35 7.70 0.09
N ASP B 24 22.33 6.90 -0.29
CA ASP B 24 23.59 7.44 -0.79
C ASP B 24 23.31 8.29 -2.06
N ALA B 25 22.25 8.01 -2.82
CA ALA B 25 21.86 8.83 -3.98
C ALA B 25 20.87 9.97 -3.66
N GLY B 26 20.50 10.11 -2.40
CA GLY B 26 19.66 11.19 -2.03
C GLY B 26 18.24 10.85 -1.76
N TYR B 27 17.87 9.60 -2.04
CA TYR B 27 16.51 9.11 -1.90
C TYR B 27 16.33 8.48 -0.50
N VAL B 28 16.19 9.32 0.50
CA VAL B 28 16.20 8.92 1.88
C VAL B 28 14.80 8.55 2.36
N GLY B 29 13.80 9.32 1.96
CA GLY B 29 12.44 9.11 2.43
C GLY B 29 11.89 7.82 1.83
N MET B 30 11.34 6.97 2.73
CA MET B 30 10.80 5.70 2.29
C MET B 30 9.96 5.09 3.39
N THR B 31 9.04 4.26 2.97
CA THR B 31 8.15 3.53 3.88
C THR B 31 8.27 2.05 3.58
N VAL B 32 8.51 1.23 4.58
CA VAL B 32 8.81 -0.20 4.42
C VAL B 32 7.83 -1.08 5.18
N SER B 33 7.31 -2.13 4.50
CA SER B 33 6.28 -2.99 5.04
C SER B 33 6.72 -4.46 4.83
N GLU B 34 6.33 -5.33 5.73
CA GLU B 34 6.54 -6.78 5.57
C GLU B 34 5.34 -7.36 4.84
N VAL B 35 5.63 -8.17 3.83
CA VAL B 35 4.60 -8.76 2.98
C VAL B 35 4.97 -10.23 2.68
N LYS B 36 4.07 -10.91 1.98
CA LYS B 36 4.38 -12.20 1.40
C LYS B 36 3.78 -12.24 -0.02
N GLY B 37 4.40 -12.97 -0.95
CA GLY B 37 3.93 -12.89 -2.31
C GLY B 37 4.29 -14.09 -3.16
N ARG B 38 3.81 -14.04 -4.40
CA ARG B 38 4.23 -14.89 -5.49
C ARG B 38 4.38 -14.04 -6.71
N GLY B 39 5.30 -14.47 -7.57
CA GLY B 39 5.47 -13.91 -8.90
C GLY B 39 4.84 -14.76 -9.98
N VAL B 40 5.39 -14.73 -11.18
CA VAL B 40 4.84 -15.50 -12.32
C VAL B 40 5.16 -16.99 -12.13
N GLN B 41 4.41 -17.81 -12.83
CA GLN B 41 4.59 -19.24 -12.79
C GLN B 41 5.95 -19.59 -13.44
N GLY B 42 6.59 -20.62 -12.94
CA GLY B 42 7.95 -20.97 -13.37
C GLY B 42 9.06 -20.42 -12.50
N GLY B 43 10.27 -20.80 -12.89
CA GLY B 43 11.49 -20.46 -12.19
C GLY B 43 11.86 -21.54 -11.20
N ILE B 44 13.15 -21.70 -10.93
CA ILE B 44 13.52 -22.56 -9.83
C ILE B 44 12.74 -22.14 -8.58
N VAL B 45 12.22 -23.14 -7.90
CA VAL B 45 11.40 -22.99 -6.72
C VAL B 45 12.22 -22.25 -5.65
N GLU B 46 11.55 -21.34 -4.97
CA GLU B 46 12.19 -20.50 -4.03
C GLU B 46 12.30 -21.14 -2.69
N ARG B 47 13.49 -20.95 -2.11
CA ARG B 47 13.72 -21.31 -0.75
C ARG B 47 13.88 -20.01 -0.04
N TYR B 48 13.61 -20.04 1.25
CA TYR B 48 13.73 -18.87 2.09
C TYR B 48 13.95 -19.32 3.52
N ARG B 49 15.13 -19.01 4.09
CA ARG B 49 15.46 -19.42 5.47
C ARG B 49 15.25 -20.94 5.66
N GLY B 50 15.71 -21.70 4.67
CA GLY B 50 15.72 -23.17 4.72
C GLY B 50 14.49 -23.90 4.18
N ARG B 51 13.36 -23.20 4.10
CA ARG B 51 12.07 -23.78 3.73
C ARG B 51 11.80 -23.57 2.26
N GLU B 52 11.31 -24.60 1.59
CA GLU B 52 10.93 -24.50 0.18
C GLU B 52 9.50 -23.99 0.10
N TYR B 53 9.25 -23.14 -0.89
CA TYR B 53 7.90 -22.55 -1.13
C TYR B 53 7.34 -22.94 -2.51
N ILE B 54 6.94 -24.22 -2.68
CA ILE B 54 6.40 -24.62 -3.99
C ILE B 54 5.08 -23.90 -4.40
N VAL B 55 4.19 -23.71 -3.43
CA VAL B 55 2.85 -23.11 -3.64
C VAL B 55 2.59 -21.90 -2.75
N ASP B 56 3.12 -21.90 -1.54
CA ASP B 56 2.78 -20.92 -0.48
C ASP B 56 3.37 -19.54 -0.77
N LEU B 57 2.79 -18.54 -0.17
CA LEU B 57 3.30 -17.19 -0.28
C LEU B 57 4.64 -17.05 0.42
N ILE B 58 5.54 -16.32 -0.20
CA ILE B 58 6.92 -16.22 0.22
C ILE B 58 7.19 -14.87 0.87
N PRO B 59 7.95 -14.86 2.00
CA PRO B 59 8.27 -13.54 2.55
C PRO B 59 9.06 -12.61 1.64
N LYS B 60 8.64 -11.34 1.63
CA LYS B 60 9.23 -10.25 0.89
C LYS B 60 9.15 -8.97 1.75
N VAL B 61 9.77 -7.94 1.27
CA VAL B 61 9.61 -6.60 1.84
CA VAL B 61 9.64 -6.61 1.82
C VAL B 61 9.17 -5.65 0.74
N LYS B 62 8.26 -4.77 1.09
CA LYS B 62 7.78 -3.74 0.20
C LYS B 62 8.45 -2.45 0.64
N ILE B 63 9.04 -1.77 -0.34
CA ILE B 63 9.58 -0.43 -0.12
CA ILE B 63 9.54 -0.43 -0.11
C ILE B 63 8.79 0.52 -1.00
N GLU B 64 8.33 1.63 -0.42
CA GLU B 64 7.61 2.67 -1.14
C GLU B 64 8.38 3.99 -1.01
N LEU B 65 8.68 4.60 -2.16
CA LEU B 65 9.36 5.87 -2.21
C LEU B 65 8.58 6.79 -3.11
N VAL B 66 8.16 7.94 -2.60
CA VAL B 66 7.54 8.98 -3.43
C VAL B 66 8.58 10.00 -3.82
N VAL B 67 8.72 10.21 -5.11
CA VAL B 67 9.80 10.99 -5.69
C VAL B 67 9.25 11.84 -6.85
N LYS B 68 10.04 12.82 -7.26
CA LYS B 68 9.72 13.54 -8.47
C LYS B 68 9.78 12.57 -9.67
N GLU B 69 8.92 12.76 -10.68
CA GLU B 69 8.87 11.88 -11.86
C GLU B 69 10.22 11.76 -12.54
N GLU B 70 10.98 12.86 -12.57
CA GLU B 70 12.29 12.84 -13.25
C GLU B 70 13.31 11.97 -12.63
N ASP B 71 13.08 11.59 -11.38
CA ASP B 71 13.99 10.71 -10.60
C ASP B 71 13.68 9.21 -10.68
N VAL B 72 12.56 8.86 -11.28
CA VAL B 72 12.07 7.50 -11.23
C VAL B 72 13.10 6.57 -11.88
N ASP B 73 13.67 6.94 -13.03
CA ASP B 73 14.60 6.00 -13.68
C ASP B 73 15.82 5.73 -12.79
N ASN B 74 16.32 6.75 -12.11
CA ASN B 74 17.44 6.57 -11.22
C ASN B 74 17.06 5.61 -10.07
N VAL B 75 15.91 5.80 -9.49
CA VAL B 75 15.44 4.98 -8.36
C VAL B 75 15.34 3.51 -8.83
N ILE B 76 14.72 3.31 -10.00
CA ILE B 76 14.59 1.98 -10.55
C ILE B 76 15.98 1.31 -10.76
N ASP B 77 16.89 2.06 -11.34
CA ASP B 77 18.24 1.56 -11.59
C ASP B 77 18.88 1.10 -10.29
N ILE B 78 18.81 1.95 -9.28
CA ILE B 78 19.41 1.63 -7.98
C ILE B 78 18.80 0.38 -7.38
N ILE B 79 17.49 0.30 -7.40
CA ILE B 79 16.81 -0.85 -6.80
C ILE B 79 17.18 -2.14 -7.51
N CYS B 80 17.17 -2.11 -8.83
CA CYS B 80 17.47 -3.33 -9.56
C CYS B 80 18.91 -3.79 -9.36
N GLU B 81 19.82 -2.86 -9.41
CA GLU B 81 21.25 -3.22 -9.26
C GLU B 81 21.54 -3.83 -7.87
N ASN B 82 20.93 -3.25 -6.85
CA ASN B 82 21.22 -3.70 -5.48
C ASN B 82 20.34 -4.82 -4.94
N ALA B 83 19.15 -4.97 -5.50
CA ALA B 83 18.23 -5.99 -5.00
C ALA B 83 18.48 -7.35 -5.64
N ARG B 84 19.11 -7.34 -6.81
CA ARG B 84 19.17 -8.56 -7.60
C ARG B 84 20.15 -9.58 -7.08
N THR B 85 19.83 -10.82 -7.38
CA THR B 85 20.70 -11.98 -7.12
C THR B 85 20.91 -12.88 -8.36
N GLY B 86 20.07 -12.76 -9.36
CA GLY B 86 20.07 -13.58 -10.53
C GLY B 86 19.14 -14.78 -10.44
N ASN B 87 18.52 -15.00 -9.27
CA ASN B 87 17.61 -16.10 -9.07
C ASN B 87 16.16 -15.57 -9.09
N PRO B 88 15.23 -16.36 -9.62
CA PRO B 88 13.83 -15.94 -9.58
C PRO B 88 13.39 -15.57 -8.15
N GLY B 89 12.63 -14.49 -8.03
CA GLY B 89 12.13 -14.01 -6.76
C GLY B 89 12.82 -12.74 -6.33
N ASP B 90 13.64 -12.16 -7.22
CA ASP B 90 14.35 -10.93 -6.89
C ASP B 90 13.49 -9.70 -6.73
N GLY B 91 12.30 -9.70 -7.33
CA GLY B 91 11.43 -8.58 -7.09
C GLY B 91 10.69 -8.03 -8.29
N LYS B 92 9.81 -7.08 -7.97
CA LYS B 92 9.11 -6.36 -8.98
C LYS B 92 8.80 -4.94 -8.52
N ILE B 93 8.85 -4.01 -9.46
CA ILE B 93 8.68 -2.61 -9.22
C ILE B 93 7.47 -2.08 -9.93
N PHE B 94 6.63 -1.35 -9.25
CA PHE B 94 5.43 -0.70 -9.80
C PHE B 94 5.56 0.80 -9.62
N VAL B 95 5.23 1.59 -10.64
CA VAL B 95 5.23 3.07 -10.57
C VAL B 95 3.79 3.51 -10.65
N ILE B 96 3.37 4.23 -9.60
CA ILE B 96 1.98 4.63 -9.43
C ILE B 96 1.93 6.16 -9.35
N PRO B 97 0.99 6.81 -10.01
CA PRO B 97 0.88 8.32 -9.96
C PRO B 97 0.51 8.77 -8.56
N VAL B 98 1.11 9.90 -8.15
CA VAL B 98 0.74 10.59 -6.93
C VAL B 98 0.32 11.98 -7.33
N GLU B 99 -0.86 12.38 -6.95
CA GLU B 99 -1.42 13.67 -7.33
C GLU B 99 -1.09 14.81 -6.37
N ARG B 100 -0.76 14.48 -5.14
CA ARG B 100 -0.46 15.47 -4.08
C ARG B 100 0.36 14.83 -2.98
N VAL B 101 1.28 15.61 -2.43
CA VAL B 101 2.10 15.20 -1.30
CA VAL B 101 2.08 15.18 -1.30
C VAL B 101 2.05 16.32 -0.27
N VAL B 102 1.84 15.93 1.00
CA VAL B 102 1.73 16.92 2.10
C VAL B 102 2.57 16.45 3.28
N ARG B 103 3.42 17.31 3.81
CA ARG B 103 4.18 17.06 5.02
C ARG B 103 3.34 17.44 6.23
N VAL B 104 3.11 16.52 7.15
CA VAL B 104 2.14 16.69 8.22
C VAL B 104 2.48 17.84 9.12
N ARG B 105 3.70 17.89 9.53
CA ARG B 105 4.12 18.86 10.52
C ARG B 105 3.88 20.33 10.13
N THR B 106 4.11 20.64 8.86
CA THR B 106 4.18 22.00 8.38
C THR B 106 3.13 22.36 7.33
N LYS B 107 2.45 21.33 6.81
CA LYS B 107 1.50 21.49 5.69
C LYS B 107 2.17 21.87 4.38
N GLU B 108 3.49 21.77 4.32
CA GLU B 108 4.19 22.00 3.08
C GLU B 108 3.74 20.95 2.05
N GLU B 109 3.60 21.34 0.79
CA GLU B 109 3.18 20.44 -0.27
C GLU B 109 4.12 20.44 -1.45
N GLY B 110 3.91 19.49 -2.33
CA GLY B 110 4.65 19.43 -3.57
C GLY B 110 6.12 19.17 -3.36
N LYS B 111 6.94 19.79 -4.17
CA LYS B 111 8.36 19.58 -4.17
C LYS B 111 8.93 19.86 -2.78
N GLU B 112 8.38 20.86 -2.10
CA GLU B 112 8.88 21.29 -0.82
C GLU B 112 8.70 20.17 0.23
N ALA B 113 7.64 19.37 0.08
CA ALA B 113 7.40 18.26 0.96
C ALA B 113 8.39 17.07 0.81
N LEU B 114 9.20 17.08 -0.24
CA LEU B 114 10.23 16.06 -0.48
C LEU B 114 11.63 16.62 -0.20
N LEU B 115 11.74 17.89 0.21
CA LEU B 115 13.03 18.49 0.29
C LEU B 115 13.59 18.39 1.64
N GLU B 116 14.91 18.22 1.59
CA GLU B 116 15.74 17.87 2.69
C GLU B 116 15.90 19.13 3.50
N HIS B 117 16.32 18.96 4.75
CA HIS B 117 16.57 20.11 5.60
C HIS B 117 18.08 20.41 5.58
N GLY C 1 -17.55 12.85 -11.07
CA GLY C 1 -16.96 12.68 -9.70
C GLY C 1 -16.07 11.45 -9.48
N SER C 2 -14.79 11.69 -9.26
CA SER C 2 -13.81 10.63 -9.15
C SER C 2 -13.56 10.36 -7.64
N MET C 3 -12.81 9.29 -7.39
CA MET C 3 -12.40 8.84 -6.05
C MET C 3 -10.90 8.91 -5.92
N LYS C 4 -10.44 9.07 -4.70
CA LYS C 4 -9.00 9.20 -4.39
C LYS C 4 -8.68 8.37 -3.16
N LYS C 5 -7.45 7.88 -3.12
CA LYS C 5 -6.90 7.29 -1.90
C LYS C 5 -5.99 8.27 -1.20
N VAL C 6 -6.32 8.56 0.05
CA VAL C 6 -5.44 9.35 0.90
C VAL C 6 -4.64 8.32 1.69
N GLU C 7 -3.33 8.31 1.49
CA GLU C 7 -2.37 7.40 2.16
CA GLU C 7 -2.41 7.43 2.16
C GLU C 7 -1.52 8.27 3.08
N ALA C 8 -1.75 8.16 4.39
CA ALA C 8 -1.08 8.92 5.41
C ALA C 8 -0.19 8.03 6.24
N ILE C 9 1.05 8.45 6.43
CA ILE C 9 1.98 7.74 7.31
C ILE C 9 2.13 8.67 8.52
N ILE C 10 1.77 8.15 9.70
CA ILE C 10 1.74 8.95 10.92
C ILE C 10 2.34 8.17 12.08
N ARG C 11 2.55 8.87 13.20
CA ARG C 11 3.05 8.26 14.41
C ARG C 11 2.07 7.23 14.93
N PRO C 12 2.56 6.07 15.40
CA PRO C 12 1.63 5.05 15.88
C PRO C 12 0.72 5.51 17.03
N GLU C 13 1.25 6.38 17.90
CA GLU C 13 0.51 6.87 19.05
C GLU C 13 -0.51 7.95 18.70
N LYS C 14 -0.56 8.37 17.43
CA LYS C 14 -1.59 9.30 16.95
C LYS C 14 -2.77 8.60 16.25
N LEU C 15 -2.67 7.29 16.04
CA LEU C 15 -3.70 6.59 15.34
C LEU C 15 -5.11 6.75 15.95
N GLU C 16 -5.20 6.57 17.27
CA GLU C 16 -6.49 6.59 17.92
C GLU C 16 -7.17 7.96 17.77
N ILE C 17 -6.44 9.05 18.00
CA ILE C 17 -7.06 10.38 17.91
C ILE C 17 -7.40 10.74 16.47
N VAL C 18 -6.51 10.42 15.53
CA VAL C 18 -6.80 10.70 14.13
C VAL C 18 -8.01 9.96 13.63
N LYS C 19 -8.09 8.68 13.97
CA LYS C 19 -9.27 7.96 13.54
C LYS C 19 -10.55 8.39 14.20
N LYS C 20 -10.47 8.85 15.46
CA LYS C 20 -11.62 9.48 16.11
C LYS C 20 -12.05 10.74 15.35
N ALA C 21 -11.09 11.63 15.07
CA ALA C 21 -11.40 12.90 14.39
C ALA C 21 -11.99 12.67 13.01
N LEU C 22 -11.42 11.73 12.25
CA LEU C 22 -11.93 11.41 10.93
C LEU C 22 -13.36 10.89 11.01
N SER C 23 -13.57 9.98 11.97
CA SER C 23 -14.88 9.40 12.17
C SER C 23 -15.91 10.45 12.59
N ASP C 24 -15.50 11.39 13.44
CA ASP C 24 -16.42 12.44 13.97
C ASP C 24 -16.91 13.28 12.76
N ALA C 25 -16.07 13.39 11.72
CA ALA C 25 -16.35 14.09 10.45
C ALA C 25 -17.02 13.30 9.34
N GLY C 26 -17.27 12.03 9.62
CA GLY C 26 -17.96 11.15 8.71
C GLY C 26 -17.05 10.29 7.81
N TYR C 27 -15.73 10.35 8.03
CA TYR C 27 -14.78 9.54 7.27
C TYR C 27 -14.38 8.36 8.11
N VAL C 28 -15.22 7.34 8.04
CA VAL C 28 -15.13 6.16 8.94
C VAL C 28 -14.27 5.03 8.40
N GLY C 29 -14.49 4.72 7.12
CA GLY C 29 -13.79 3.62 6.47
C GLY C 29 -12.32 3.92 6.29
N MET C 30 -11.51 2.92 6.62
CA MET C 30 -10.04 3.06 6.55
C MET C 30 -9.37 1.71 6.71
N THR C 31 -8.18 1.62 6.14
CA THR C 31 -7.31 0.46 6.27
C THR C 31 -5.99 0.90 6.85
N VAL C 32 -5.49 0.18 7.86
CA VAL C 32 -4.32 0.55 8.60
C VAL C 32 -3.29 -0.62 8.61
N SER C 33 -2.04 -0.28 8.34
CA SER C 33 -0.93 -1.19 8.28
C SER C 33 0.18 -0.68 9.18
N GLU C 34 0.90 -1.60 9.79
CA GLU C 34 2.12 -1.32 10.57
C GLU C 34 3.27 -1.23 9.57
N VAL C 35 4.06 -0.18 9.65
CA VAL C 35 5.20 0.04 8.75
C VAL C 35 6.36 0.64 9.52
N LYS C 36 7.49 0.81 8.86
CA LYS C 36 8.61 1.55 9.43
C LYS C 36 9.09 2.48 8.32
N GLY C 37 9.73 3.58 8.64
CA GLY C 37 10.08 4.55 7.62
C GLY C 37 11.13 5.51 8.11
N ARG C 38 11.55 6.32 7.17
CA ARG C 38 12.27 7.53 7.46
C ARG C 38 11.84 8.62 6.49
N GLY C 39 12.00 9.86 6.90
CA GLY C 39 11.72 10.97 6.08
C GLY C 39 12.97 11.58 5.50
N VAL C 40 12.94 12.87 5.22
CA VAL C 40 14.09 13.53 4.61
C VAL C 40 15.30 13.62 5.59
N GLN C 41 16.46 13.78 5.01
CA GLN C 41 17.71 13.89 5.75
C GLN C 41 17.76 15.32 6.24
N GLY C 42 18.56 15.49 7.28
CA GLY C 42 18.99 16.82 7.69
C GLY C 42 18.13 17.32 8.81
N GLY C 43 18.53 18.47 9.31
CA GLY C 43 17.82 19.13 10.39
C GLY C 43 17.85 18.36 11.68
N ILE C 44 16.84 18.61 12.49
CA ILE C 44 16.78 17.97 13.81
C ILE C 44 16.60 16.48 13.64
N VAL C 45 17.43 15.72 14.35
CA VAL C 45 17.38 14.27 14.35
C VAL C 45 16.09 13.78 14.99
N GLU C 46 15.43 12.83 14.32
CA GLU C 46 14.18 12.28 14.84
C GLU C 46 14.37 11.46 16.11
N ARG C 47 13.45 11.63 17.06
CA ARG C 47 13.48 10.91 18.36
C ARG C 47 12.24 10.02 18.43
N TYR C 48 12.39 8.81 18.97
CA TYR C 48 11.24 7.90 19.16
C TYR C 48 11.49 7.12 20.45
N ARG C 49 10.53 7.18 21.36
CA ARG C 49 10.73 6.71 22.75
C ARG C 49 11.98 7.27 23.46
N GLY C 50 12.35 8.53 23.24
CA GLY C 50 13.46 9.17 24.02
C GLY C 50 14.90 9.21 23.44
N ARG C 51 15.27 10.41 22.95
CA ARG C 51 16.32 10.74 21.92
C ARG C 51 17.34 9.80 21.21
N GLU C 52 16.88 9.24 20.06
CA GLU C 52 17.57 9.34 18.71
C GLU C 52 17.55 8.13 17.75
N TYR C 53 16.88 8.27 16.59
CA TYR C 53 16.96 7.26 15.50
C TYR C 53 17.78 7.84 14.37
N ILE C 54 19.11 7.69 14.49
CA ILE C 54 20.06 8.27 13.56
C ILE C 54 20.10 7.52 12.25
N VAL C 55 20.11 6.20 12.32
CA VAL C 55 20.23 5.39 11.12
C VAL C 55 18.99 4.49 10.84
N ASP C 56 18.35 3.98 11.87
CA ASP C 56 17.34 2.95 11.58
C ASP C 56 15.99 3.51 11.17
N LEU C 57 15.18 2.65 10.58
CA LEU C 57 13.78 2.97 10.22
C LEU C 57 12.95 3.01 11.46
N ILE C 58 12.04 3.95 11.53
CA ILE C 58 11.26 4.25 12.68
C ILE C 58 9.79 3.73 12.55
N PRO C 59 9.25 3.11 13.60
CA PRO C 59 7.87 2.63 13.51
C PRO C 59 6.88 3.77 13.20
N LYS C 60 5.97 3.50 12.26
CA LYS C 60 4.89 4.43 11.88
C LYS C 60 3.66 3.52 11.61
N VAL C 61 2.54 4.16 11.38
CA VAL C 61 1.39 3.49 10.88
C VAL C 61 0.92 4.16 9.56
N LYS C 62 0.50 3.33 8.64
CA LYS C 62 -0.05 3.78 7.37
C LYS C 62 -1.57 3.69 7.44
N ILE C 63 -2.25 4.81 7.25
CA ILE C 63 -3.68 4.84 7.14
CA ILE C 63 -3.69 4.80 7.12
C ILE C 63 -4.06 5.13 5.69
N GLU C 64 -4.94 4.32 5.11
CA GLU C 64 -5.43 4.54 3.77
C GLU C 64 -6.94 4.75 3.83
N LEU C 65 -7.40 5.88 3.31
CA LEU C 65 -8.81 6.24 3.23
C LEU C 65 -9.15 6.54 1.80
N VAL C 66 -10.06 5.79 1.26
CA VAL C 66 -10.61 6.05 -0.08
C VAL C 66 -11.90 6.84 0.06
N VAL C 67 -11.91 7.97 -0.60
CA VAL C 67 -12.95 9.00 -0.45
C VAL C 67 -13.29 9.59 -1.83
N LYS C 68 -14.42 10.25 -1.89
CA LYS C 68 -14.73 11.13 -3.04
C LYS C 68 -13.70 12.23 -3.13
N GLU C 69 -13.40 12.64 -4.35
CA GLU C 69 -12.35 13.61 -4.57
C GLU C 69 -12.58 14.92 -3.80
N GLU C 70 -13.85 15.33 -3.72
CA GLU C 70 -14.22 16.56 -3.10
C GLU C 70 -13.94 16.53 -1.62
N ASP C 71 -13.75 15.35 -1.00
CA ASP C 71 -13.46 15.24 0.43
C ASP C 71 -11.97 15.18 0.79
N VAL C 72 -11.11 15.18 -0.23
CA VAL C 72 -9.70 14.98 0.05
C VAL C 72 -9.14 16.10 0.92
N ASP C 73 -9.43 17.34 0.60
CA ASP C 73 -8.85 18.44 1.40
CA ASP C 73 -8.83 18.42 1.38
C ASP C 73 -9.29 18.36 2.84
N ASN C 74 -10.56 18.06 3.07
CA ASN C 74 -11.10 17.89 4.43
CA ASN C 74 -10.99 17.98 4.46
C ASN C 74 -10.31 16.81 5.20
N VAL C 75 -10.14 15.71 4.54
CA VAL C 75 -9.45 14.58 5.18
C VAL C 75 -8.02 14.91 5.51
N ILE C 76 -7.30 15.50 4.57
CA ILE C 76 -5.90 15.89 4.84
C ILE C 76 -5.83 16.86 6.03
N ASP C 77 -6.71 17.85 6.02
CA ASP C 77 -6.69 18.85 7.09
C ASP C 77 -6.91 18.22 8.45
N ILE C 78 -7.87 17.30 8.52
CA ILE C 78 -8.16 16.60 9.78
C ILE C 78 -6.96 15.75 10.24
N ILE C 79 -6.34 15.05 9.31
CA ILE C 79 -5.16 14.25 9.66
C ILE C 79 -4.04 15.14 10.17
N CYS C 80 -3.74 16.22 9.47
CA CYS C 80 -2.59 17.04 9.86
C CYS C 80 -2.85 17.65 11.25
N GLU C 81 -4.08 18.14 11.45
CA GLU C 81 -4.43 18.87 12.71
C GLU C 81 -4.25 17.93 13.88
N ASN C 82 -4.64 16.66 13.70
CA ASN C 82 -4.68 15.71 14.77
C ASN C 82 -3.42 14.85 14.93
N ALA C 83 -2.68 14.68 13.85
CA ALA C 83 -1.48 13.88 13.88
C ALA C 83 -0.25 14.66 14.30
N ARG C 84 -0.22 15.96 14.02
CA ARG C 84 1.00 16.73 14.24
C ARG C 84 1.36 16.87 15.70
N THR C 85 2.64 16.99 15.92
CA THR C 85 3.16 17.32 17.23
C THR C 85 4.10 18.53 17.20
N GLY C 86 4.67 18.87 16.04
CA GLY C 86 5.65 19.89 15.94
C GLY C 86 7.10 19.43 15.86
N ASN C 87 7.33 18.13 16.05
CA ASN C 87 8.65 17.52 15.89
C ASN C 87 8.78 16.77 14.59
N PRO C 88 10.02 16.69 14.06
CA PRO C 88 10.29 15.88 12.84
C PRO C 88 9.78 14.48 13.05
N GLY C 89 9.17 13.89 12.02
CA GLY C 89 8.61 12.55 12.05
C GLY C 89 7.08 12.47 12.17
N ASP C 90 6.43 13.62 12.10
CA ASP C 90 4.96 13.72 12.24
C ASP C 90 4.19 13.05 11.11
N GLY C 91 4.79 12.93 9.94
CA GLY C 91 4.13 12.17 8.92
C GLY C 91 4.14 12.80 7.53
N LYS C 92 3.62 12.01 6.59
CA LYS C 92 3.56 12.47 5.18
C LYS C 92 2.32 11.84 4.61
N ILE C 93 1.66 12.58 3.74
CA ILE C 93 0.44 12.16 3.12
C ILE C 93 0.56 12.19 1.59
N PHE C 94 0.08 11.14 0.93
CA PHE C 94 0.10 11.00 -0.52
C PHE C 94 -1.32 10.81 -0.99
N VAL C 95 -1.71 11.47 -2.05
CA VAL C 95 -3.04 11.25 -2.67
C VAL C 95 -2.84 10.55 -4.02
N ILE C 96 -3.52 9.41 -4.13
CA ILE C 96 -3.36 8.50 -5.24
C ILE C 96 -4.72 8.33 -5.94
N PRO C 97 -4.77 8.37 -7.27
CA PRO C 97 -6.06 8.19 -7.93
C PRO C 97 -6.58 6.75 -7.76
N VAL C 98 -7.91 6.61 -7.62
CA VAL C 98 -8.58 5.34 -7.56
C VAL C 98 -9.62 5.38 -8.64
N GLU C 99 -9.50 4.45 -9.58
CA GLU C 99 -10.35 4.44 -10.78
C GLU C 99 -11.63 3.68 -10.56
N ARG C 100 -11.69 2.74 -9.59
CA ARG C 100 -12.85 1.95 -9.32
C ARG C 100 -12.86 1.49 -7.90
N VAL C 101 -14.06 1.40 -7.33
CA VAL C 101 -14.31 0.86 -5.98
C VAL C 101 -15.44 -0.13 -5.98
N VAL C 102 -15.25 -1.29 -5.40
CA VAL C 102 -16.26 -2.33 -5.35
C VAL C 102 -16.42 -2.87 -3.93
N ARG C 103 -17.65 -2.90 -3.44
CA ARG C 103 -17.96 -3.46 -2.13
C ARG C 103 -18.14 -4.99 -2.31
N VAL C 104 -17.38 -5.80 -1.59
CA VAL C 104 -17.31 -7.27 -1.83
C VAL C 104 -18.65 -7.95 -1.64
N ARG C 105 -19.36 -7.56 -0.58
CA ARG C 105 -20.61 -8.28 -0.20
C ARG C 105 -21.65 -8.21 -1.27
N THR C 106 -21.79 -7.02 -1.91
CA THR C 106 -22.92 -6.73 -2.76
C THR C 106 -22.53 -6.50 -4.24
N LYS C 107 -21.21 -6.38 -4.54
CA LYS C 107 -20.69 -5.88 -5.80
CA LYS C 107 -20.74 -5.93 -5.85
C LYS C 107 -21.21 -4.50 -6.18
N GLU C 108 -21.68 -3.74 -5.21
CA GLU C 108 -21.95 -2.31 -5.49
C GLU C 108 -20.63 -1.61 -5.85
N GLU C 109 -20.72 -0.60 -6.69
CA GLU C 109 -19.53 0.16 -7.05
C GLU C 109 -19.70 1.65 -6.96
N GLY C 110 -18.58 2.30 -7.01
CA GLY C 110 -18.59 3.73 -7.02
C GLY C 110 -19.02 4.36 -5.73
N LYS C 111 -19.63 5.53 -5.87
CA LYS C 111 -20.19 6.28 -4.76
C LYS C 111 -20.92 5.42 -3.73
N GLU C 112 -21.77 4.48 -4.18
CA GLU C 112 -22.54 3.71 -3.23
C GLU C 112 -21.67 2.77 -2.39
N ALA C 113 -20.50 2.36 -2.94
CA ALA C 113 -19.56 1.53 -2.19
C ALA C 113 -18.86 2.29 -1.06
N LEU C 114 -19.00 3.60 -1.05
CA LEU C 114 -18.41 4.48 -0.03
C LEU C 114 -19.43 5.05 0.95
N LEU C 115 -20.70 4.73 0.77
CA LEU C 115 -21.73 5.42 1.49
C LEU C 115 -22.22 4.56 2.62
N GLU C 116 -22.44 5.19 3.78
CA GLU C 116 -23.16 4.54 4.87
C GLU C 116 -24.48 4.08 4.26
N HIS C 117 -25.01 2.92 4.65
CA HIS C 117 -26.19 2.35 3.92
C HIS C 117 -27.52 2.66 4.58
#